data_3DNP
#
_entry.id   3DNP
#
_cell.length_a   63.939
_cell.length_b   63.939
_cell.length_c   161.485
_cell.angle_alpha   90.000
_cell.angle_beta   90.000
_cell.angle_gamma   90.000
#
_symmetry.space_group_name_H-M   'P 43 21 2'
#
loop_
_entity.id
_entity.type
_entity.pdbx_description
1 polymer 'Stress response protein yhaX'
2 non-polymer 'MAGNESIUM ION'
3 non-polymer 1,2-ETHANEDIOL
4 water water
#
_entity_poly.entity_id   1
_entity_poly.type   'polypeptide(L)'
_entity_poly.pdbx_seq_one_letter_code
;SNA(MSE)SKQLLALNIDGALLRSNGKIHQATKDAIEYVKKKGIYVTLVTNRHFRSAQKIAKSLKLDAKLITHSGAYIAE
KIDAPFFEKRISDDHTFNIVQVLESYQCNIRLLHEKYSIGNKKKVNSNLLGKALIHPSDPIFYPVQFVESLSDLL(MSE)
DEPVSAPVIEVYTEHDIQHDITETITKAFPAVDVIRVNDEKLNIVPKGVSKEAGLALVASELGLS(MSE)DDVVAIGHQY
DDLP(MSE)IELAGLGVA(MSE)GNAVPEIKRKADWVTRSNDEQGVAY(MSE)(MSE)KEYFR(MSE)QQRKGFLDKFH
(MSE)KR
;
_entity_poly.pdbx_strand_id   A
#
loop_
_chem_comp.id
_chem_comp.type
_chem_comp.name
_chem_comp.formula
EDO non-polymer 1,2-ETHANEDIOL 'C2 H6 O2'
MG non-polymer 'MAGNESIUM ION' 'Mg 2'
#
# COMPACT_ATOMS: atom_id res chain seq x y z
N LYS A 6 14.44 18.11 -4.64
CA LYS A 6 13.34 17.32 -4.05
C LYS A 6 13.56 17.17 -2.55
N GLN A 7 12.48 17.06 -1.80
CA GLN A 7 12.49 17.13 -0.35
CA GLN A 7 12.57 17.09 -0.35
C GLN A 7 11.88 15.91 0.32
N LEU A 8 11.14 15.11 -0.45
N LEU A 8 11.10 15.15 -0.44
CA LEU A 8 10.40 13.96 0.10
CA LEU A 8 10.47 13.95 0.11
C LEU A 8 10.42 12.75 -0.83
C LEU A 8 10.60 12.79 -0.87
N LEU A 9 10.95 11.63 -0.33
CA LEU A 9 11.03 10.38 -1.09
C LEU A 9 10.01 9.40 -0.52
N ALA A 10 9.06 8.98 -1.34
CA ALA A 10 8.04 7.99 -0.94
C ALA A 10 8.21 6.70 -1.73
N LEU A 11 8.35 5.59 -1.01
CA LEU A 11 8.66 4.29 -1.62
CA LEU A 11 8.65 4.28 -1.60
C LEU A 11 7.58 3.24 -1.28
N ASN A 12 7.21 2.44 -2.28
CA ASN A 12 6.50 1.19 -1.99
C ASN A 12 7.45 0.27 -1.21
N ILE A 13 6.88 -0.65 -0.46
CA ILE A 13 7.64 -1.71 0.20
C ILE A 13 7.77 -2.91 -0.77
N ASP A 14 6.67 -3.61 -1.00
CA ASP A 14 6.63 -4.73 -1.95
C ASP A 14 6.92 -4.19 -3.33
N GLY A 15 7.74 -4.93 -4.08
CA GLY A 15 8.09 -4.54 -5.46
C GLY A 15 9.02 -3.35 -5.62
N ALA A 16 9.52 -2.76 -4.54
CA ALA A 16 10.44 -1.62 -4.64
C ALA A 16 11.57 -1.68 -3.61
N LEU A 17 11.25 -1.37 -2.36
CA LEU A 17 12.20 -1.48 -1.26
CA LEU A 17 12.24 -1.49 -1.29
C LEU A 17 12.69 -2.93 -1.09
N LEU A 18 11.77 -3.88 -1.24
CA LEU A 18 12.09 -5.28 -0.96
C LEU A 18 12.35 -6.02 -2.24
N ARG A 19 13.37 -6.89 -2.20
CA ARG A 19 13.60 -7.87 -3.25
C ARG A 19 12.42 -8.86 -3.28
N SER A 20 12.32 -9.68 -4.31
CA SER A 20 11.18 -10.62 -4.40
CA SER A 20 11.20 -10.63 -4.42
C SER A 20 11.24 -11.71 -3.35
N ASN A 21 12.41 -11.92 -2.76
CA ASN A 21 12.51 -12.87 -1.63
C ASN A 21 12.26 -12.21 -0.25
N GLY A 22 11.88 -10.94 -0.26
CA GLY A 22 11.52 -10.22 0.95
C GLY A 22 12.67 -9.57 1.69
N LYS A 23 13.87 -9.75 1.18
CA LYS A 23 15.04 -9.15 1.81
C LYS A 23 15.22 -7.70 1.37
N ILE A 24 15.76 -6.87 2.26
CA ILE A 24 16.20 -5.51 1.90
C ILE A 24 17.68 -5.59 1.59
N HIS A 25 18.07 -5.29 0.35
CA HIS A 25 19.48 -5.36 -0.06
C HIS A 25 20.32 -4.30 0.68
N GLN A 26 21.56 -4.63 1.03
CA GLN A 26 22.45 -3.64 1.69
C GLN A 26 22.55 -2.32 0.92
N ALA A 27 22.58 -2.40 -0.40
CA ALA A 27 22.67 -1.18 -1.23
C ALA A 27 21.49 -0.22 -1.02
N THR A 28 20.34 -0.81 -0.75
CA THR A 28 19.13 -0.08 -0.53
C THR A 28 19.22 0.66 0.82
N LYS A 29 19.68 -0.06 1.84
CA LYS A 29 19.93 0.50 3.15
C LYS A 29 20.92 1.66 3.05
N ASP A 30 22.01 1.46 2.30
CA ASP A 30 23.02 2.49 2.15
C ASP A 30 22.45 3.72 1.42
N ALA A 31 21.65 3.48 0.39
CA ALA A 31 21.04 4.57 -0.36
C ALA A 31 20.10 5.39 0.52
N ILE A 32 19.27 4.73 1.32
CA ILE A 32 18.30 5.43 2.21
C ILE A 32 19.03 6.23 3.30
N GLU A 33 20.08 5.65 3.88
CA GLU A 33 20.90 6.36 4.87
C GLU A 33 21.49 7.64 4.26
N TYR A 34 22.00 7.53 3.04
CA TYR A 34 22.54 8.70 2.36
C TYR A 34 21.47 9.77 2.12
N VAL A 35 20.30 9.36 1.62
CA VAL A 35 19.18 10.26 1.34
C VAL A 35 18.80 11.09 2.59
N LYS A 36 18.64 10.38 3.71
CA LYS A 36 18.34 10.98 5.01
C LYS A 36 19.44 11.96 5.48
N LYS A 37 20.70 11.60 5.24
CA LYS A 37 21.85 12.41 5.63
C LYS A 37 21.83 13.73 4.84
N LYS A 38 21.28 13.67 3.63
CA LYS A 38 21.13 14.86 2.78
C LYS A 38 19.91 15.73 3.11
N GLY A 39 19.14 15.33 4.11
CA GLY A 39 18.01 16.10 4.58
C GLY A 39 16.68 15.79 3.93
N ILE A 40 16.64 14.76 3.10
CA ILE A 40 15.40 14.38 2.43
C ILE A 40 14.54 13.49 3.35
N TYR A 41 13.25 13.79 3.45
CA TYR A 41 12.34 13.03 4.31
C TYR A 41 12.00 11.74 3.56
N VAL A 42 12.17 10.60 4.20
CA VAL A 42 11.91 9.31 3.54
C VAL A 42 10.73 8.62 4.23
N THR A 43 9.72 8.27 3.46
CA THR A 43 8.59 7.54 4.03
C THR A 43 8.18 6.37 3.14
N LEU A 44 7.30 5.54 3.68
CA LEU A 44 6.82 4.36 2.97
C LEU A 44 5.35 4.62 2.61
N VAL A 45 4.98 4.21 1.40
CA VAL A 45 3.61 4.32 0.93
CA VAL A 45 3.59 4.31 0.96
C VAL A 45 3.21 2.93 0.47
N THR A 46 2.28 2.30 1.17
CA THR A 46 2.09 0.85 1.04
C THR A 46 0.66 0.39 1.26
N ASN A 47 0.34 -0.73 0.63
CA ASN A 47 -0.86 -1.50 0.98
C ASN A 47 -0.70 -2.34 2.24
N ARG A 48 0.53 -2.50 2.71
CA ARG A 48 0.77 -3.34 3.93
C ARG A 48 0.11 -2.76 5.17
N HIS A 49 -0.18 -3.62 6.13
CA HIS A 49 -0.72 -3.16 7.40
C HIS A 49 0.36 -2.38 8.15
N PHE A 50 -0.08 -1.53 9.08
CA PHE A 50 0.82 -0.58 9.70
C PHE A 50 2.01 -1.26 10.40
N ARG A 51 1.70 -2.30 11.17
CA ARG A 51 2.75 -2.99 11.92
C ARG A 51 3.87 -3.53 11.02
N SER A 52 3.54 -4.18 9.91
CA SER A 52 4.56 -4.66 9.00
C SER A 52 5.41 -3.49 8.46
N ALA A 53 4.73 -2.43 8.01
CA ALA A 53 5.43 -1.22 7.51
C ALA A 53 6.38 -0.62 8.57
N GLN A 54 5.92 -0.55 9.81
CA GLN A 54 6.71 0.05 10.88
C GLN A 54 7.96 -0.79 11.21
N LYS A 55 7.85 -2.12 11.19
CA LYS A 55 9.05 -2.93 11.46
C LYS A 55 10.10 -2.68 10.38
N ILE A 56 9.65 -2.56 9.14
CA ILE A 56 10.53 -2.25 7.99
C ILE A 56 11.15 -0.85 8.18
N ALA A 57 10.32 0.14 8.50
CA ALA A 57 10.81 1.49 8.83
C ALA A 57 11.85 1.48 9.98
N LYS A 58 11.63 0.64 10.99
CA LYS A 58 12.57 0.52 12.09
C LYS A 58 13.93 0.03 11.59
N SER A 59 13.90 -0.94 10.68
CA SER A 59 15.13 -1.50 10.08
CA SER A 59 15.17 -1.49 10.14
C SER A 59 15.93 -0.44 9.33
N LEU A 60 15.18 0.49 8.71
CA LEU A 60 15.77 1.58 7.92
C LEU A 60 16.00 2.84 8.75
N LYS A 61 15.70 2.76 10.04
CA LYS A 61 15.79 3.91 10.97
C LYS A 61 15.05 5.17 10.45
N LEU A 62 13.84 5.00 9.91
CA LEU A 62 13.14 6.13 9.27
C LEU A 62 12.60 7.21 10.21
N ASP A 63 12.03 6.82 11.34
CA ASP A 63 11.29 7.79 12.18
C ASP A 63 10.45 8.81 11.40
N ALA A 64 9.51 8.31 10.60
CA ALA A 64 8.73 9.15 9.69
C ALA A 64 7.27 8.74 9.80
N LYS A 65 6.36 9.60 9.34
CA LYS A 65 4.95 9.21 9.18
C LYS A 65 4.82 8.26 7.99
N LEU A 66 4.29 7.07 8.23
CA LEU A 66 4.22 6.05 7.19
C LEU A 66 2.79 6.04 6.68
N ILE A 67 2.64 5.86 5.38
CA ILE A 67 1.32 5.82 4.73
C ILE A 67 0.97 4.36 4.45
N THR A 68 0.04 3.81 5.23
CA THR A 68 -0.18 2.36 5.24
C THR A 68 -1.67 2.06 5.03
N HIS A 69 -2.00 0.78 4.89
CA HIS A 69 -3.38 0.34 4.63
C HIS A 69 -3.91 1.15 3.44
N SER A 70 -3.10 1.29 2.36
CA SER A 70 -3.57 1.94 1.13
CA SER A 70 -3.55 1.97 1.12
C SER A 70 -3.93 3.44 1.32
N GLY A 71 -3.37 4.08 2.36
CA GLY A 71 -3.65 5.49 2.67
C GLY A 71 -4.65 5.70 3.81
N ALA A 72 -5.24 4.63 4.33
CA ALA A 72 -6.27 4.75 5.37
C ALA A 72 -5.69 4.93 6.76
N TYR A 73 -4.40 4.67 6.91
CA TYR A 73 -3.76 4.69 8.25
C TYR A 73 -2.37 5.29 8.16
N ILE A 74 -2.20 6.51 8.70
CA ILE A 74 -0.93 7.24 8.54
C ILE A 74 -0.45 7.57 9.93
N ALA A 75 0.75 7.10 10.24
CA ALA A 75 1.21 7.16 11.63
C ALA A 75 2.70 6.93 11.76
N GLU A 76 3.26 7.38 12.88
CA GLU A 76 4.60 6.96 13.25
CA GLU A 76 4.61 7.00 13.28
C GLU A 76 4.54 5.89 14.32
N LYS A 77 3.54 5.98 15.20
CA LYS A 77 3.35 4.96 16.25
C LYS A 77 1.89 4.54 16.25
N ILE A 78 1.67 3.24 16.35
CA ILE A 78 0.34 2.68 16.13
C ILE A 78 -0.82 3.28 16.96
N ASP A 79 -0.62 3.56 18.24
CA ASP A 79 -1.76 4.02 19.05
C ASP A 79 -2.20 5.45 18.78
N ALA A 80 -1.37 6.20 18.03
CA ALA A 80 -1.55 7.66 17.90
C ALA A 80 -1.45 8.09 16.44
N PRO A 81 -2.44 7.72 15.61
CA PRO A 81 -2.26 8.06 14.21
C PRO A 81 -2.39 9.54 13.87
N PHE A 82 -1.64 9.93 12.84
CA PHE A 82 -1.75 11.26 12.27
C PHE A 82 -3.06 11.40 11.49
N PHE A 83 -3.41 10.35 10.72
CA PHE A 83 -4.65 10.29 9.95
C PHE A 83 -5.16 8.86 10.02
N GLU A 84 -6.44 8.70 10.33
CA GLU A 84 -7.07 7.39 10.16
C GLU A 84 -8.48 7.51 9.63
N LYS A 85 -8.86 6.58 8.75
CA LYS A 85 -10.25 6.48 8.29
CA LYS A 85 -10.25 6.48 8.31
C LYS A 85 -10.55 5.00 8.15
N ARG A 86 -11.75 4.59 8.53
CA ARG A 86 -12.09 3.19 8.39
C ARG A 86 -13.53 3.02 7.96
N ILE A 87 -13.82 1.88 7.35
CA ILE A 87 -15.19 1.53 6.93
C ILE A 87 -15.99 1.15 8.21
N SER A 88 -17.21 1.67 8.35
CA SER A 88 -18.02 1.39 9.56
C SER A 88 -18.21 -0.11 9.74
N ASP A 89 -18.49 -0.53 10.97
CA ASP A 89 -18.74 -1.97 11.15
C ASP A 89 -19.94 -2.48 10.36
N ASP A 90 -21.00 -1.68 10.28
CA ASP A 90 -22.18 -2.11 9.55
CA ASP A 90 -22.22 -2.03 9.54
C ASP A 90 -21.92 -2.18 8.05
N HIS A 91 -21.23 -1.18 7.49
CA HIS A 91 -20.84 -1.24 6.08
C HIS A 91 -19.89 -2.38 5.79
N THR A 92 -18.93 -2.63 6.69
CA THR A 92 -18.02 -3.77 6.54
C THR A 92 -18.81 -5.08 6.45
N PHE A 93 -19.77 -5.26 7.35
CA PHE A 93 -20.60 -6.47 7.33
C PHE A 93 -21.38 -6.59 5.99
N ASN A 94 -22.02 -5.51 5.56
CA ASN A 94 -22.81 -5.52 4.33
C ASN A 94 -21.96 -5.78 3.09
N ILE A 95 -20.77 -5.18 3.08
CA ILE A 95 -19.83 -5.39 1.98
C ILE A 95 -19.37 -6.84 1.93
N VAL A 96 -19.03 -7.40 3.10
CA VAL A 96 -18.65 -8.81 3.17
C VAL A 96 -19.76 -9.72 2.64
N GLN A 97 -21.00 -9.45 3.02
CA GLN A 97 -22.12 -10.27 2.52
C GLN A 97 -22.21 -10.30 0.99
N VAL A 98 -22.08 -9.13 0.36
CA VAL A 98 -22.07 -9.03 -1.11
C VAL A 98 -20.90 -9.82 -1.73
N LEU A 99 -19.69 -9.60 -1.22
CA LEU A 99 -18.49 -10.29 -1.70
C LEU A 99 -18.57 -11.80 -1.52
N GLU A 100 -19.26 -12.26 -0.48
CA GLU A 100 -19.47 -13.70 -0.27
C GLU A 100 -20.26 -14.40 -1.39
N SER A 101 -21.04 -13.63 -2.14
CA SER A 101 -21.78 -14.19 -3.28
C SER A 101 -20.88 -14.36 -4.54
N TYR A 102 -19.65 -13.84 -4.49
CA TYR A 102 -18.69 -14.00 -5.59
C TYR A 102 -17.58 -14.98 -5.23
N GLN A 103 -16.92 -15.53 -6.26
CA GLN A 103 -15.72 -16.37 -6.06
C GLN A 103 -14.52 -15.49 -5.76
N CYS A 104 -14.38 -15.09 -4.49
CA CYS A 104 -13.30 -14.19 -4.12
C CYS A 104 -12.83 -14.46 -2.70
N ASN A 105 -11.54 -14.24 -2.51
CA ASN A 105 -10.92 -14.33 -1.21
C ASN A 105 -10.95 -12.92 -0.62
N ILE A 106 -11.44 -12.82 0.61
CA ILE A 106 -11.66 -11.54 1.27
C ILE A 106 -10.74 -11.47 2.49
N ARG A 107 -10.12 -10.31 2.71
N ARG A 107 -10.07 -10.33 2.68
CA ARG A 107 -9.34 -10.09 3.95
CA ARG A 107 -9.35 -10.09 3.95
C ARG A 107 -9.62 -8.72 4.54
C ARG A 107 -9.76 -8.73 4.52
N LEU A 108 -10.05 -8.71 5.81
CA LEU A 108 -10.28 -7.46 6.53
C LEU A 108 -8.93 -7.09 7.13
N LEU A 109 -8.33 -6.01 6.60
CA LEU A 109 -6.98 -5.65 6.98
C LEU A 109 -7.00 -4.54 8.05
N HIS A 110 -7.24 -4.95 9.30
CA HIS A 110 -7.26 -4.00 10.45
C HIS A 110 -5.83 -3.74 10.85
N GLU A 111 -5.56 -2.64 11.56
CA GLU A 111 -4.17 -2.38 12.02
C GLU A 111 -3.73 -3.24 13.20
N LYS A 112 -4.70 -3.91 13.84
N LYS A 112 -4.68 -3.96 13.82
CA LYS A 112 -4.46 -4.73 15.03
CA LYS A 112 -4.35 -4.77 14.99
C LYS A 112 -4.53 -6.24 14.74
C LYS A 112 -4.63 -6.26 14.80
N TYR A 113 -5.19 -6.60 13.65
CA TYR A 113 -5.36 -8.01 13.31
C TYR A 113 -5.83 -8.09 11.87
N SER A 114 -5.80 -9.30 11.31
CA SER A 114 -6.39 -9.49 10.00
C SER A 114 -7.26 -10.75 10.07
N ILE A 115 -8.41 -10.72 9.41
CA ILE A 115 -9.27 -11.90 9.35
C ILE A 115 -9.71 -12.05 7.93
N GLY A 116 -9.62 -13.27 7.40
CA GLY A 116 -10.06 -13.54 6.00
C GLY A 116 -10.95 -14.77 5.94
N ASN A 117 -11.52 -15.02 4.76
CA ASN A 117 -12.26 -16.25 4.50
C ASN A 117 -11.33 -17.34 3.94
N LYS A 118 -11.88 -18.47 3.54
CA LYS A 118 -11.07 -19.59 3.10
C LYS A 118 -11.29 -19.95 1.64
N LYS A 119 -11.94 -19.07 0.90
CA LYS A 119 -12.22 -19.37 -0.51
C LYS A 119 -10.93 -19.39 -1.31
N LYS A 120 -10.77 -20.46 -2.10
CA LYS A 120 -9.65 -20.61 -3.03
C LYS A 120 -10.00 -19.93 -4.34
N VAL A 121 -9.07 -19.13 -4.85
CA VAL A 121 -9.25 -18.53 -6.17
C VAL A 121 -8.09 -18.89 -7.07
N ASN A 122 -8.38 -19.03 -8.37
CA ASN A 122 -7.35 -19.19 -9.38
C ASN A 122 -6.66 -17.84 -9.60
N SER A 123 -5.72 -17.53 -8.70
CA SER A 123 -4.97 -16.28 -8.75
C SER A 123 -3.49 -16.54 -8.43
N ASN A 124 -2.64 -16.36 -9.46
CA ASN A 124 -1.18 -16.52 -9.30
C ASN A 124 -0.47 -15.40 -8.54
N LEU A 125 -1.03 -14.19 -8.59
CA LEU A 125 -0.52 -13.03 -7.85
C LEU A 125 -0.79 -13.20 -6.37
N LEU A 126 -1.87 -13.90 -6.03
CA LEU A 126 -2.11 -14.29 -4.65
C LEU A 126 -1.02 -15.28 -4.21
N GLY A 127 -0.70 -16.23 -5.08
CA GLY A 127 0.40 -17.18 -4.83
C GLY A 127 1.77 -16.53 -4.73
N LYS A 128 1.98 -15.45 -5.50
CA LYS A 128 3.28 -14.77 -5.54
C LYS A 128 3.49 -13.78 -4.38
N ALA A 129 2.39 -13.19 -3.89
CA ALA A 129 2.45 -12.16 -2.86
C ALA A 129 3.19 -12.63 -1.61
N LEU A 130 4.17 -11.84 -1.14
CA LEU A 130 4.96 -12.15 0.07
C LEU A 130 4.09 -12.23 1.32
N ILE A 131 4.18 -13.34 2.03
CA ILE A 131 3.54 -13.51 3.34
C ILE A 131 4.53 -13.04 4.42
N HIS A 132 4.05 -12.23 5.35
CA HIS A 132 4.86 -11.75 6.47
C HIS A 132 4.19 -12.14 7.80
N PRO A 133 4.99 -12.23 8.89
CA PRO A 133 4.56 -12.89 10.11
C PRO A 133 3.33 -12.27 10.76
N SER A 134 2.50 -13.10 11.37
CA SER A 134 1.53 -12.58 12.32
C SER A 134 2.34 -12.48 13.64
N ASP A 135 1.71 -11.92 14.67
CA ASP A 135 2.24 -12.05 16.02
C ASP A 135 1.01 -12.33 16.85
N PRO A 136 1.07 -13.38 17.67
CA PRO A 136 -0.12 -13.77 18.43
C PRO A 136 -0.62 -12.70 19.41
N ILE A 137 0.24 -11.75 19.82
CA ILE A 137 -0.24 -10.64 20.65
C ILE A 137 -0.59 -9.45 19.77
N PHE A 138 0.38 -9.01 18.96
CA PHE A 138 0.25 -7.68 18.31
C PHE A 138 -0.47 -7.68 16.98
N TYR A 139 -0.49 -8.85 16.34
CA TYR A 139 -1.13 -8.93 15.00
C TYR A 139 -1.61 -10.33 14.65
N PRO A 140 -2.66 -10.82 15.31
CA PRO A 140 -3.18 -12.14 14.98
C PRO A 140 -3.75 -12.16 13.58
N VAL A 141 -3.52 -13.26 12.87
CA VAL A 141 -4.06 -13.44 11.52
C VAL A 141 -4.85 -14.77 11.50
N GLN A 142 -6.14 -14.71 11.21
CA GLN A 142 -6.98 -15.90 11.18
CA GLN A 142 -6.97 -15.91 11.19
C GLN A 142 -7.86 -15.95 9.96
N PHE A 143 -8.22 -17.17 9.55
CA PHE A 143 -9.16 -17.39 8.47
C PHE A 143 -10.34 -18.15 9.03
N VAL A 144 -11.52 -17.85 8.49
CA VAL A 144 -12.75 -18.55 8.88
C VAL A 144 -13.47 -18.93 7.61
N GLU A 145 -14.32 -19.95 7.71
CA GLU A 145 -15.15 -20.35 6.58
CA GLU A 145 -15.16 -20.37 6.59
C GLU A 145 -16.18 -19.28 6.25
N SER A 146 -16.77 -18.66 7.29
CA SER A 146 -17.78 -17.63 7.05
C SER A 146 -17.46 -16.32 7.77
N LEU A 147 -16.97 -15.35 7.01
CA LEU A 147 -16.66 -14.05 7.62
C LEU A 147 -17.91 -13.34 8.14
N SER A 148 -18.97 -13.32 7.35
CA SER A 148 -20.18 -12.63 7.76
C SER A 148 -20.80 -13.26 9.03
N ASP A 149 -20.74 -14.60 9.18
CA ASP A 149 -21.20 -15.21 10.43
C ASP A 149 -20.38 -14.72 11.63
N LEU A 150 -19.08 -14.64 11.47
CA LEU A 150 -18.19 -14.19 12.56
C LEU A 150 -18.56 -12.77 12.97
N LEU A 151 -18.73 -11.89 11.96
CA LEU A 151 -19.02 -10.46 12.16
C LEU A 151 -20.36 -10.18 12.86
N MSE A 152 -21.27 -11.14 12.82
CA MSE A 152 -22.53 -11.02 13.58
C MSE A 152 -22.29 -10.76 15.07
O MSE A 152 -23.01 -9.98 15.68
CB MSE A 152 -23.37 -12.28 13.44
CG MSE A 152 -23.54 -12.77 12.05
SE MSE A 152 -25.35 -12.72 11.43
CE MSE A 152 -25.55 -10.78 11.60
N ASP A 153 -21.31 -11.45 15.66
CA ASP A 153 -21.02 -11.33 17.07
C ASP A 153 -19.72 -10.57 17.33
N GLU A 154 -18.90 -10.45 16.28
CA GLU A 154 -17.60 -9.75 16.39
C GLU A 154 -17.51 -8.75 15.26
N PRO A 155 -18.15 -7.58 15.43
CA PRO A 155 -18.08 -6.56 14.37
C PRO A 155 -16.63 -6.13 14.12
N VAL A 156 -16.33 -5.81 12.87
CA VAL A 156 -14.98 -5.27 12.54
C VAL A 156 -15.14 -3.97 11.77
N SER A 157 -14.38 -2.94 12.15
CA SER A 157 -14.37 -1.70 11.39
C SER A 157 -13.00 -1.60 10.73
N ALA A 158 -12.98 -1.99 9.47
CA ALA A 158 -11.80 -2.25 8.65
C ALA A 158 -11.29 -0.97 7.95
N PRO A 159 -10.00 -0.57 8.12
CA PRO A 159 -9.49 0.51 7.24
C PRO A 159 -9.49 0.12 5.75
N VAL A 160 -9.27 -1.17 5.44
CA VAL A 160 -9.19 -1.70 4.05
CA VAL A 160 -9.31 -1.66 4.06
C VAL A 160 -9.78 -3.11 4.03
N ILE A 161 -10.53 -3.42 2.98
CA ILE A 161 -10.96 -4.77 2.71
C ILE A 161 -10.25 -5.16 1.38
N GLU A 162 -9.46 -6.23 1.43
CA GLU A 162 -8.70 -6.72 0.24
C GLU A 162 -9.49 -7.83 -0.43
N VAL A 163 -9.56 -7.79 -1.75
CA VAL A 163 -10.39 -8.73 -2.50
C VAL A 163 -9.56 -9.33 -3.62
N TYR A 164 -9.34 -10.64 -3.57
CA TYR A 164 -8.59 -11.33 -4.62
CA TYR A 164 -8.58 -11.33 -4.60
C TYR A 164 -9.54 -12.17 -5.43
N THR A 165 -9.41 -12.07 -6.76
CA THR A 165 -10.25 -12.82 -7.68
C THR A 165 -9.46 -13.16 -8.95
N GLU A 166 -10.04 -14.02 -9.78
CA GLU A 166 -9.62 -14.12 -11.20
C GLU A 166 -9.92 -12.76 -11.87
N HIS A 167 -9.19 -12.42 -12.93
CA HIS A 167 -9.40 -11.11 -13.53
C HIS A 167 -10.82 -10.89 -14.09
N ASP A 168 -11.43 -11.95 -14.60
CA ASP A 168 -12.70 -11.87 -15.33
C ASP A 168 -13.88 -11.21 -14.57
N ILE A 169 -13.87 -11.29 -13.25
CA ILE A 169 -14.97 -10.74 -12.43
C ILE A 169 -14.66 -9.43 -11.70
N GLN A 170 -13.45 -8.89 -11.85
CA GLN A 170 -13.08 -7.63 -11.15
C GLN A 170 -13.98 -6.46 -11.50
N HIS A 171 -14.30 -6.31 -12.78
CA HIS A 171 -15.15 -5.21 -13.21
C HIS A 171 -16.55 -5.29 -12.58
N ASP A 172 -17.14 -6.50 -12.58
CA ASP A 172 -18.44 -6.73 -11.97
CA ASP A 172 -18.44 -6.74 -11.97
C ASP A 172 -18.41 -6.43 -10.47
N ILE A 173 -17.41 -6.94 -9.77
CA ILE A 173 -17.32 -6.70 -8.32
C ILE A 173 -17.20 -5.20 -8.10
N THR A 174 -16.32 -4.56 -8.88
CA THR A 174 -16.06 -3.11 -8.77
C THR A 174 -17.36 -2.30 -8.98
N GLU A 175 -18.09 -2.63 -10.04
N GLU A 175 -18.12 -2.64 -10.01
CA GLU A 175 -19.38 -1.99 -10.33
CA GLU A 175 -19.37 -1.92 -10.27
C GLU A 175 -20.35 -2.19 -9.17
C GLU A 175 -20.45 -2.21 -9.22
N THR A 176 -20.48 -3.43 -8.72
CA THR A 176 -21.48 -3.81 -7.71
C THR A 176 -21.23 -3.09 -6.39
N ILE A 177 -19.98 -3.11 -5.93
CA ILE A 177 -19.59 -2.40 -4.71
C ILE A 177 -19.74 -0.88 -4.83
N THR A 178 -19.20 -0.28 -5.88
CA THR A 178 -19.28 1.18 -6.05
C THR A 178 -20.73 1.66 -6.00
N LYS A 179 -21.60 0.96 -6.74
CA LYS A 179 -23.04 1.27 -6.77
C LYS A 179 -23.75 1.08 -5.42
N ALA A 180 -23.47 -0.01 -4.71
CA ALA A 180 -24.17 -0.30 -3.46
C ALA A 180 -23.67 0.45 -2.22
N PHE A 181 -22.40 0.91 -2.26
CA PHE A 181 -21.75 1.51 -1.08
C PHE A 181 -21.07 2.85 -1.39
N PRO A 182 -21.86 3.94 -1.40
CA PRO A 182 -21.34 5.29 -1.67
C PRO A 182 -20.30 5.77 -0.64
N ALA A 183 -20.26 5.11 0.52
CA ALA A 183 -19.28 5.49 1.53
C ALA A 183 -17.86 4.95 1.26
N VAL A 184 -17.69 4.11 0.23
CA VAL A 184 -16.36 3.51 -0.04
C VAL A 184 -15.93 3.76 -1.48
N ASP A 185 -14.62 3.61 -1.75
CA ASP A 185 -14.08 3.60 -3.09
C ASP A 185 -13.45 2.24 -3.32
N VAL A 186 -13.40 1.83 -4.58
CA VAL A 186 -12.69 0.61 -4.96
C VAL A 186 -11.43 1.00 -5.73
N ILE A 187 -10.29 0.51 -5.26
CA ILE A 187 -9.00 0.76 -5.90
C ILE A 187 -8.47 -0.51 -6.57
N ARG A 188 -8.25 -0.45 -7.87
CA ARG A 188 -7.67 -1.61 -8.56
C ARG A 188 -6.15 -1.62 -8.34
N VAL A 189 -5.64 -2.69 -7.72
CA VAL A 189 -4.19 -2.78 -7.46
C VAL A 189 -3.50 -3.45 -8.62
N ASN A 190 -4.07 -4.58 -9.06
CA ASN A 190 -3.54 -5.33 -10.20
C ASN A 190 -4.66 -6.17 -10.77
N ASP A 191 -4.37 -7.06 -11.72
CA ASP A 191 -5.42 -7.82 -12.41
C ASP A 191 -6.21 -8.77 -11.52
N GLU A 192 -5.68 -9.07 -10.33
CA GLU A 192 -6.29 -10.03 -9.42
C GLU A 192 -6.59 -9.49 -8.04
N LYS A 193 -6.28 -8.23 -7.78
CA LYS A 193 -6.49 -7.64 -6.44
C LYS A 193 -7.15 -6.27 -6.49
N LEU A 194 -8.21 -6.11 -5.69
CA LEU A 194 -8.86 -4.81 -5.41
C LEU A 194 -8.76 -4.48 -3.91
N ASN A 195 -8.64 -3.21 -3.60
CA ASN A 195 -8.81 -2.71 -2.25
C ASN A 195 -10.10 -1.92 -2.19
N ILE A 196 -10.90 -2.19 -1.17
CA ILE A 196 -12.06 -1.36 -0.89
C ILE A 196 -11.69 -0.50 0.34
N VAL A 197 -11.80 0.83 0.19
CA VAL A 197 -11.32 1.79 1.21
C VAL A 197 -12.40 2.84 1.49
N PRO A 198 -12.29 3.58 2.62
CA PRO A 198 -13.26 4.67 2.79
C PRO A 198 -13.17 5.67 1.62
N LYS A 199 -14.27 6.33 1.33
CA LYS A 199 -14.27 7.28 0.22
C LYS A 199 -13.22 8.35 0.42
N GLY A 200 -12.47 8.62 -0.65
CA GLY A 200 -11.43 9.65 -0.62
C GLY A 200 -10.07 9.15 -0.17
N VAL A 201 -10.00 7.90 0.32
CA VAL A 201 -8.72 7.34 0.77
C VAL A 201 -7.93 6.77 -0.42
N SER A 202 -6.64 7.03 -0.43
CA SER A 202 -5.75 6.43 -1.42
C SER A 202 -4.30 6.70 -1.04
N LYS A 203 -3.39 5.98 -1.69
CA LYS A 203 -1.95 6.24 -1.53
C LYS A 203 -1.60 7.69 -1.87
N GLU A 204 -2.14 8.21 -2.97
CA GLU A 204 -1.81 9.56 -3.41
C GLU A 204 -2.40 10.63 -2.48
N ALA A 205 -3.59 10.37 -1.97
CA ALA A 205 -4.21 11.29 -1.02
C ALA A 205 -3.41 11.32 0.31
N GLY A 206 -2.96 10.15 0.74
CA GLY A 206 -2.20 10.03 2.00
C GLY A 206 -0.86 10.75 1.85
N LEU A 207 -0.18 10.50 0.73
CA LEU A 207 1.05 11.19 0.39
C LEU A 207 0.86 12.71 0.35
N ALA A 208 -0.21 13.19 -0.28
CA ALA A 208 -0.50 14.64 -0.27
C ALA A 208 -0.65 15.20 1.15
N LEU A 209 -1.31 14.45 2.03
CA LEU A 209 -1.52 14.91 3.41
CA LEU A 209 -1.52 14.91 3.40
C LEU A 209 -0.20 15.01 4.15
N VAL A 210 0.69 14.04 3.92
CA VAL A 210 1.98 14.05 4.59
C VAL A 210 2.85 15.20 4.06
N ALA A 211 2.85 15.38 2.75
CA ALA A 211 3.65 16.47 2.14
C ALA A 211 3.16 17.83 2.68
N SER A 212 1.84 18.02 2.71
CA SER A 212 1.26 19.26 3.22
CA SER A 212 1.24 19.25 3.24
C SER A 212 1.65 19.50 4.69
N GLU A 213 1.62 18.45 5.49
CA GLU A 213 2.02 18.53 6.91
C GLU A 213 3.48 19.00 7.06
N LEU A 214 4.31 18.62 6.11
CA LEU A 214 5.72 19.01 6.07
C LEU A 214 5.98 20.35 5.38
N GLY A 215 4.93 21.04 4.94
CA GLY A 215 5.10 22.32 4.24
C GLY A 215 5.57 22.17 2.81
N LEU A 216 5.39 20.98 2.24
CA LEU A 216 5.82 20.69 0.87
C LEU A 216 4.63 20.54 -0.06
N SER A 217 4.85 20.65 -1.36
CA SER A 217 3.82 20.26 -2.33
C SER A 217 4.21 18.96 -3.01
N MSE A 218 3.28 18.35 -3.74
CA MSE A 218 3.60 17.18 -4.57
C MSE A 218 4.79 17.40 -5.52
O MSE A 218 5.52 16.46 -5.84
CB MSE A 218 2.35 16.65 -5.30
CG MSE A 218 1.31 16.01 -4.36
SE MSE A 218 1.98 14.54 -3.27
CE MSE A 218 2.02 13.11 -4.59
N ASP A 219 4.99 18.66 -5.94
N ASP A 219 5.01 18.65 -5.96
CA ASP A 219 6.14 19.06 -6.75
CA ASP A 219 6.17 18.95 -6.81
C ASP A 219 7.51 18.69 -6.15
C ASP A 219 7.53 18.65 -6.16
N ASP A 220 7.55 18.61 -4.83
CA ASP A 220 8.77 18.38 -4.08
C ASP A 220 9.01 16.90 -3.78
N VAL A 221 8.14 16.05 -4.33
CA VAL A 221 8.11 14.62 -4.01
C VAL A 221 8.67 13.75 -5.13
N VAL A 222 9.52 12.79 -4.75
CA VAL A 222 9.88 11.65 -5.61
C VAL A 222 9.06 10.45 -5.13
N ALA A 223 8.29 9.84 -6.03
CA ALA A 223 7.48 8.69 -5.64
C ALA A 223 7.86 7.47 -6.48
N ILE A 224 8.12 6.33 -5.83
CA ILE A 224 8.56 5.14 -6.56
C ILE A 224 7.52 4.04 -6.37
N GLY A 225 6.87 3.63 -7.46
CA GLY A 225 5.77 2.64 -7.40
C GLY A 225 5.96 1.50 -8.42
N HIS A 226 5.05 0.54 -8.42
CA HIS A 226 5.20 -0.63 -9.33
C HIS A 226 3.88 -1.24 -9.84
N GLN A 227 2.74 -0.86 -9.25
CA GLN A 227 1.44 -1.40 -9.71
C GLN A 227 0.40 -0.32 -10.08
N TYR A 228 -0.77 -0.75 -10.53
CA TYR A 228 -1.79 0.22 -11.01
C TYR A 228 -2.19 1.23 -9.96
N ASP A 229 -2.23 0.79 -8.71
CA ASP A 229 -2.67 1.69 -7.65
C ASP A 229 -1.63 2.76 -7.33
N ASP A 230 -0.41 2.57 -7.83
CA ASP A 230 0.67 3.56 -7.68
C ASP A 230 0.66 4.61 -8.79
N LEU A 231 -0.14 4.37 -9.83
CA LEU A 231 -0.11 5.32 -10.96
C LEU A 231 -0.44 6.77 -10.60
N PRO A 232 -1.50 7.01 -9.81
CA PRO A 232 -1.80 8.40 -9.47
C PRO A 232 -0.65 9.13 -8.76
N MSE A 233 0.03 8.48 -7.82
CA MSE A 233 1.09 9.20 -7.13
C MSE A 233 2.30 9.37 -8.06
O MSE A 233 3.02 10.36 -7.96
CB MSE A 233 1.50 8.53 -5.81
CG MSE A 233 2.31 7.30 -5.97
SE MSE A 233 2.91 6.53 -4.27
CE MSE A 233 4.18 5.28 -5.11
N ILE A 234 2.50 8.41 -8.97
CA ILE A 234 3.55 8.54 -10.01
C ILE A 234 3.27 9.74 -10.91
N GLU A 235 2.00 9.92 -11.32
CA GLU A 235 1.61 11.04 -12.17
CA GLU A 235 1.59 11.06 -12.17
C GLU A 235 1.66 12.39 -11.42
N LEU A 236 1.25 12.37 -10.15
CA LEU A 236 1.13 13.59 -9.35
C LEU A 236 2.43 14.08 -8.70
N ALA A 237 3.36 13.16 -8.40
CA ALA A 237 4.66 13.53 -7.80
C ALA A 237 5.50 14.36 -8.76
N GLY A 238 6.36 15.23 -8.22
CA GLY A 238 7.33 15.98 -9.03
C GLY A 238 8.17 15.06 -9.91
N LEU A 239 8.58 13.93 -9.34
CA LEU A 239 9.29 12.90 -10.09
C LEU A 239 8.65 11.53 -9.77
N GLY A 240 8.03 10.90 -10.78
CA GLY A 240 7.32 9.65 -10.59
C GLY A 240 8.15 8.56 -11.27
N VAL A 241 8.51 7.54 -10.50
CA VAL A 241 9.44 6.52 -10.95
C VAL A 241 8.74 5.15 -10.96
N ALA A 242 8.87 4.41 -12.07
CA ALA A 242 8.41 3.02 -12.14
C ALA A 242 9.58 2.05 -11.97
N MSE A 243 9.42 1.07 -11.07
CA MSE A 243 10.37 0.01 -10.87
C MSE A 243 10.38 -0.82 -12.15
O MSE A 243 9.38 -0.92 -12.84
CB MSE A 243 9.95 -0.87 -9.66
CG MSE A 243 9.93 -0.06 -8.34
SE MSE A 243 11.76 0.38 -7.83
CE MSE A 243 12.62 -1.35 -7.89
N GLY A 244 11.54 -1.43 -12.43
CA GLY A 244 11.71 -2.26 -13.61
C GLY A 244 10.76 -3.44 -13.70
N ASN A 245 10.32 -3.94 -12.54
CA ASN A 245 9.43 -5.10 -12.48
C ASN A 245 7.95 -4.71 -12.67
N ALA A 246 7.65 -3.42 -12.84
CA ALA A 246 6.29 -2.96 -13.14
C ALA A 246 5.87 -3.41 -14.54
N VAL A 247 4.56 -3.55 -14.80
CA VAL A 247 4.13 -3.88 -16.17
C VAL A 247 4.43 -2.72 -17.16
N PRO A 248 4.62 -3.02 -18.46
CA PRO A 248 4.96 -1.99 -19.47
C PRO A 248 4.10 -0.72 -19.45
N GLU A 249 2.79 -0.86 -19.25
CA GLU A 249 1.91 0.32 -19.20
C GLU A 249 2.33 1.31 -18.12
N ILE A 250 2.63 0.78 -16.94
CA ILE A 250 3.09 1.62 -15.84
C ILE A 250 4.44 2.24 -16.16
N LYS A 251 5.32 1.46 -16.77
CA LYS A 251 6.64 1.97 -17.16
C LYS A 251 6.53 3.09 -18.20
N ARG A 252 5.58 2.96 -19.13
CA ARG A 252 5.36 4.03 -20.11
C ARG A 252 4.86 5.31 -19.46
N LYS A 253 4.06 5.16 -18.39
CA LYS A 253 3.41 6.33 -17.77
C LYS A 253 4.27 7.12 -16.81
N ALA A 254 5.30 6.48 -16.29
CA ALA A 254 6.24 7.12 -15.37
C ALA A 254 7.14 8.16 -16.05
N ASP A 255 7.72 9.04 -15.25
CA ASP A 255 8.70 9.99 -15.78
C ASP A 255 10.04 9.29 -16.01
N TRP A 256 10.27 8.25 -15.25
CA TRP A 256 11.56 7.62 -15.17
C TRP A 256 11.36 6.14 -14.88
N VAL A 257 12.06 5.27 -15.60
CA VAL A 257 12.01 3.81 -15.30
C VAL A 257 13.35 3.38 -14.74
N THR A 258 13.34 2.73 -13.58
CA THR A 258 14.60 2.26 -13.00
C THR A 258 14.71 0.74 -13.16
N ARG A 259 15.76 0.15 -12.59
CA ARG A 259 15.94 -1.29 -12.63
C ARG A 259 14.92 -1.99 -11.70
N SER A 260 14.87 -3.32 -11.75
CA SER A 260 13.85 -4.06 -10.99
C SER A 260 14.19 -4.07 -9.49
N ASN A 261 13.25 -4.55 -8.67
CA ASN A 261 13.49 -4.74 -7.24
C ASN A 261 14.49 -5.86 -6.94
N ASP A 262 14.75 -6.72 -7.92
CA ASP A 262 15.79 -7.73 -7.75
C ASP A 262 17.16 -7.28 -8.31
N GLU A 263 17.21 -6.04 -8.78
CA GLU A 263 18.46 -5.44 -9.29
C GLU A 263 18.63 -4.06 -8.65
N GLN A 264 18.18 -3.92 -7.41
CA GLN A 264 18.42 -2.72 -6.61
C GLN A 264 18.01 -1.43 -7.33
N GLY A 265 16.79 -1.43 -7.87
CA GLY A 265 16.32 -0.30 -8.64
C GLY A 265 16.13 0.98 -7.83
N VAL A 266 15.77 0.85 -6.55
CA VAL A 266 15.69 2.05 -5.66
C VAL A 266 17.07 2.75 -5.52
N ALA A 267 18.08 1.98 -5.10
CA ALA A 267 19.45 2.48 -5.00
C ALA A 267 19.96 3.06 -6.33
N TYR A 268 19.64 2.37 -7.42
CA TYR A 268 20.14 2.77 -8.73
C TYR A 268 19.57 4.14 -9.10
N MSE A 269 18.26 4.27 -8.89
CA MSE A 269 17.58 5.53 -9.18
CA MSE A 269 17.53 5.53 -9.12
C MSE A 269 18.10 6.66 -8.28
O MSE A 269 18.38 7.77 -8.77
CB MSE A 269 16.06 5.39 -9.10
CB MSE A 269 16.05 5.33 -8.78
CG MSE A 269 15.26 6.63 -9.48
CG MSE A 269 15.23 6.59 -8.78
SE MSE A 269 14.91 7.71 -7.95
SE MSE A 269 15.09 7.29 -10.56
CE MSE A 269 14.49 9.38 -8.84
CE MSE A 269 14.26 8.96 -9.97
N MSE A 270 18.27 6.41 -6.98
CA MSE A 270 18.69 7.52 -6.12
C MSE A 270 20.14 7.98 -6.36
O MSE A 270 20.44 9.16 -6.23
CB MSE A 270 18.37 7.27 -4.64
CG MSE A 270 16.82 7.47 -4.33
SE MSE A 270 15.90 9.11 -5.00
CE MSE A 270 16.52 10.39 -3.70
N LYS A 271 21.01 7.04 -6.74
CA LYS A 271 22.37 7.38 -7.16
C LYS A 271 22.33 8.38 -8.32
N GLU A 272 21.48 8.11 -9.31
CA GLU A 272 21.30 9.04 -10.44
C GLU A 272 20.71 10.40 -10.02
N TYR A 273 19.71 10.37 -9.14
CA TYR A 273 19.14 11.60 -8.60
C TYR A 273 20.26 12.49 -8.06
N PHE A 274 21.20 11.90 -7.31
CA PHE A 274 22.30 12.70 -6.76
C PHE A 274 23.36 13.13 -7.77
N ARG A 275 23.66 12.28 -8.73
CA ARG A 275 24.52 12.69 -9.84
C ARG A 275 23.91 13.90 -10.56
N MSE A 276 22.60 13.86 -10.77
CA MSE A 276 21.85 14.99 -11.36
C MSE A 276 22.02 16.27 -10.55
O MSE A 276 22.32 17.33 -11.10
CB MSE A 276 20.37 14.62 -11.46
CG MSE A 276 19.70 14.80 -12.80
SE MSE A 276 18.38 13.41 -13.14
CE MSE A 276 17.80 13.12 -11.30
N GLN A 277 21.81 16.16 -9.24
CA GLN A 277 22.07 17.25 -8.26
C GLN A 277 23.47 17.82 -8.35
N GLN A 278 24.47 16.96 -8.37
CA GLN A 278 25.87 17.37 -8.46
C GLN A 278 26.13 18.14 -9.76
N ARG A 279 25.56 17.66 -10.87
CA ARG A 279 25.69 18.31 -12.19
C ARG A 279 25.06 19.69 -12.19
N LYS A 280 23.84 19.79 -11.64
CA LYS A 280 23.19 21.06 -11.39
C LYS A 280 23.87 21.79 -10.23
MG MG B . -7.31 4.61 18.04
C1 EDO C . 4.14 -1.46 -0.64
O1 EDO C . 3.94 -2.75 -0.13
C2 EDO C . 3.35 -1.45 -1.89
O2 EDO C . 1.99 -1.18 -1.65
#